data_4PPS
#
_entry.id   4PPS
#
_cell.length_a   56.106
_cell.length_b   84.191
_cell.length_c   58.480
_cell.angle_alpha   90.00
_cell.angle_beta   108.35
_cell.angle_gamma   90.00
#
_symmetry.space_group_name_H-M   'P 1 21 1'
#
loop_
_entity.id
_entity.type
_entity.pdbx_description
1 polymer 'Estrogen receptor'
2 polymer 'Nuclear receptor coactivator 2'
3 non-polymer (1S,3aR,5R,7aS)-5-(4-hydroxyphenyl)-7a-methyloctahydro-1H-inden-1-ol
4 water water
#
loop_
_entity_poly.entity_id
_entity_poly.type
_entity_poly.pdbx_seq_one_letter_code
_entity_poly.pdbx_strand_id
1 'polypeptide(L)'
;SLALSLTADQMVSALLDAEPPILYSEYDPTRPFSEASMMGLLTNLADRELVHMINWAKRVPGFVDLTLHDQVHLLECAWL
EILMIGLVWRSMEHPGKLLFAPNLLLDRNQGKCVEGMVEIFDMLLATSSRFRMMNLQGEEFVCLKSIILLNSGVYTFLSS
TLKSLEEKDHIHRVLDKITDTLIHLMAKAGLTLQQQHQRLAQLLLILSHIRHMSNKGMEHLYSMKCKNVVPLSDLLLEML
DAHR
;
A,B
2 'polypeptide(L)' HKILHRLLQDSS C,D
#
# COMPACT_ATOMS: atom_id res chain seq x y z
N SER A 1 12.27 -8.19 24.74
CA SER A 1 13.42 -7.53 24.14
C SER A 1 13.53 -6.07 24.56
N LEU A 2 14.71 -5.50 24.32
CA LEU A 2 14.97 -4.11 24.66
C LEU A 2 14.04 -3.17 23.91
N ALA A 3 13.65 -3.58 22.71
CA ALA A 3 12.77 -2.77 21.87
C ALA A 3 11.48 -2.40 22.60
N LEU A 4 10.92 -3.36 23.34
CA LEU A 4 9.67 -3.14 24.06
C LEU A 4 9.87 -2.34 25.34
N SER A 5 11.10 -2.30 25.84
CA SER A 5 11.38 -1.61 27.09
C SER A 5 11.77 -0.15 26.86
N LEU A 6 11.86 0.24 25.59
CA LEU A 6 12.22 1.61 25.24
C LEU A 6 11.09 2.59 25.53
N THR A 7 11.44 3.74 26.10
CA THR A 7 10.49 4.83 26.23
C THR A 7 10.30 5.46 24.85
N ALA A 8 9.22 6.20 24.67
CA ALA A 8 8.95 6.83 23.39
C ALA A 8 10.12 7.72 22.95
N ASP A 9 10.64 8.50 23.89
CA ASP A 9 11.76 9.38 23.60
C ASP A 9 13.03 8.59 23.26
N GLN A 10 13.20 7.43 23.88
CA GLN A 10 14.34 6.58 23.60
C GLN A 10 14.22 5.95 22.22
N MET A 11 12.99 5.68 21.80
CA MET A 11 12.73 5.13 20.48
C MET A 11 13.10 6.15 19.39
N VAL A 12 12.65 7.38 19.55
CA VAL A 12 12.96 8.45 18.61
C VAL A 12 14.47 8.68 18.51
N SER A 13 15.14 8.69 19.66
CA SER A 13 16.58 8.86 19.71
C SER A 13 17.28 7.73 18.97
N ALA A 14 16.86 6.50 19.24
CA ALA A 14 17.42 5.33 18.58
C ALA A 14 17.27 5.42 17.07
N LEU A 15 16.07 5.80 16.61
CA LEU A 15 15.80 5.90 15.19
C LEU A 15 16.59 7.03 14.55
N LEU A 16 16.64 8.18 15.21
CA LEU A 16 17.42 9.31 14.71
C LEU A 16 18.89 8.94 14.55
N ASP A 17 19.45 8.28 15.56
CA ASP A 17 20.86 7.92 15.56
CA ASP A 17 20.87 7.93 15.54
C ASP A 17 21.18 6.85 14.51
N ALA A 18 20.16 6.06 14.17
CA ALA A 18 20.33 4.97 13.21
C ALA A 18 20.25 5.44 11.76
N GLU A 19 19.85 6.69 11.55
CA GLU A 19 19.67 7.23 10.20
C GLU A 19 20.91 7.02 9.33
N PRO A 20 20.71 6.54 8.10
CA PRO A 20 21.82 6.34 7.16
C PRO A 20 22.40 7.68 6.72
N PRO A 21 23.61 7.66 6.15
CA PRO A 21 24.24 8.88 5.66
C PRO A 21 23.64 9.30 4.32
N ILE A 22 23.74 10.58 4.01
CA ILE A 22 23.28 11.08 2.72
C ILE A 22 24.41 10.99 1.71
N LEU A 23 24.25 10.11 0.74
CA LEU A 23 25.29 9.84 -0.24
C LEU A 23 25.24 10.84 -1.40
N TYR A 24 26.37 11.01 -2.06
CA TYR A 24 26.46 11.84 -3.25
C TYR A 24 26.41 10.97 -4.49
N SER A 25 25.98 11.55 -5.60
CA SER A 25 26.03 10.87 -6.89
C SER A 25 27.38 11.16 -7.52
N GLU A 26 27.80 10.30 -8.44
CA GLU A 26 29.03 10.55 -9.19
C GLU A 26 28.77 11.58 -10.27
N TYR A 27 27.53 12.08 -10.29
CA TYR A 27 27.05 13.02 -11.30
C TYR A 27 28.08 14.08 -11.68
N ASP A 28 28.29 14.25 -12.98
CA ASP A 28 29.13 15.32 -13.50
C ASP A 28 28.25 16.32 -14.22
N PRO A 29 28.04 17.49 -13.58
CA PRO A 29 27.01 18.45 -14.00
C PRO A 29 27.44 19.32 -15.20
N THR A 30 28.43 18.85 -15.93
CA THR A 30 28.89 19.52 -17.14
C THR A 30 28.61 18.65 -18.37
N ARG A 31 27.78 17.63 -18.17
CA ARG A 31 27.44 16.69 -19.24
C ARG A 31 25.95 16.40 -19.28
N PRO A 32 25.30 16.71 -20.42
CA PRO A 32 23.86 16.44 -20.60
C PRO A 32 23.54 14.97 -20.33
N PHE A 33 22.29 14.70 -19.96
CA PHE A 33 21.86 13.34 -19.66
C PHE A 33 21.49 12.55 -20.90
N SER A 34 21.67 11.24 -20.82
CA SER A 34 21.10 10.32 -21.80
C SER A 34 20.32 9.28 -20.99
N GLU A 35 19.45 8.53 -21.66
CA GLU A 35 18.63 7.55 -20.96
C GLU A 35 19.50 6.58 -20.17
N ALA A 36 20.59 6.12 -20.78
CA ALA A 36 21.51 5.22 -20.11
C ALA A 36 22.24 5.94 -18.97
N SER A 37 22.71 7.15 -19.26
CA SER A 37 23.38 7.97 -18.27
C SER A 37 22.53 8.15 -17.02
N MET A 38 21.27 8.52 -17.21
CA MET A 38 20.35 8.74 -16.11
C MET A 38 20.14 7.48 -15.27
N MET A 39 19.75 6.39 -15.91
CA MET A 39 19.53 5.12 -15.21
C MET A 39 20.78 4.68 -14.45
N GLY A 40 21.95 4.91 -15.06
CA GLY A 40 23.21 4.58 -14.42
C GLY A 40 23.37 5.29 -13.09
N LEU A 41 23.15 6.60 -13.09
CA LEU A 41 23.30 7.40 -11.88
C LEU A 41 22.34 6.95 -10.78
N LEU A 42 21.08 6.77 -11.15
CA LEU A 42 20.04 6.43 -10.18
C LEU A 42 20.23 5.04 -9.58
N THR A 43 20.59 4.08 -10.43
CA THR A 43 20.80 2.72 -9.98
C THR A 43 22.08 2.58 -9.18
N ASN A 44 23.14 3.27 -9.62
CA ASN A 44 24.39 3.29 -8.87
C ASN A 44 24.16 3.84 -7.48
N LEU A 45 23.40 4.93 -7.41
CA LEU A 45 23.03 5.54 -6.13
C LEU A 45 22.24 4.56 -5.27
N ALA A 46 21.20 3.96 -5.86
CA ALA A 46 20.35 3.02 -5.14
C ALA A 46 21.16 1.86 -4.58
N ASP A 47 22.08 1.32 -5.38
CA ASP A 47 22.91 0.20 -4.94
C ASP A 47 23.75 0.58 -3.71
N ARG A 48 24.33 1.76 -3.72
CA ARG A 48 25.14 2.21 -2.60
C ARG A 48 24.29 2.47 -1.37
N GLU A 49 23.10 3.03 -1.58
CA GLU A 49 22.17 3.29 -0.49
C GLU A 49 21.72 1.99 0.17
N LEU A 50 21.55 0.96 -0.64
CA LEU A 50 21.11 -0.34 -0.14
C LEU A 50 22.04 -0.87 0.94
N VAL A 51 23.34 -0.80 0.69
CA VAL A 51 24.32 -1.27 1.67
C VAL A 51 24.14 -0.57 3.01
N HIS A 52 23.94 0.74 2.98
CA HIS A 52 23.73 1.51 4.21
C HIS A 52 22.37 1.21 4.85
N MET A 53 21.35 0.97 4.03
CA MET A 53 20.03 0.63 4.54
C MET A 53 20.10 -0.61 5.45
N ILE A 54 20.99 -1.53 5.12
CA ILE A 54 21.13 -2.76 5.88
C ILE A 54 21.75 -2.56 7.25
N TRP A 56 21.36 0.39 8.85
CA TRP A 56 20.20 1.03 9.45
C TRP A 56 19.17 0.02 9.96
N ALA A 57 18.82 -0.93 9.10
CA ALA A 57 17.84 -1.94 9.47
C ALA A 57 18.22 -2.62 10.78
N LYS A 58 19.49 -3.01 10.88
CA LYS A 58 19.97 -3.72 12.07
C LYS A 58 19.86 -2.88 13.33
N ARG A 59 19.72 -1.56 13.18
CA ARG A 59 19.62 -0.66 14.32
CA ARG A 59 19.62 -0.67 14.32
C ARG A 59 18.18 -0.27 14.64
N VAL A 60 17.24 -0.72 13.80
CA VAL A 60 15.83 -0.51 14.10
C VAL A 60 15.46 -1.43 15.25
N PRO A 61 15.02 -0.84 16.37
CA PRO A 61 14.69 -1.65 17.56
C PRO A 61 13.78 -2.81 17.21
N GLY A 62 14.17 -4.01 17.63
CA GLY A 62 13.36 -5.20 17.39
C GLY A 62 13.81 -6.02 16.19
N PHE A 63 14.43 -5.36 15.22
CA PHE A 63 14.83 -6.03 13.97
C PHE A 63 15.91 -7.07 14.22
N VAL A 64 16.89 -6.71 15.05
CA VAL A 64 18.00 -7.61 15.34
C VAL A 64 17.54 -8.86 16.06
N ASP A 65 16.33 -8.81 16.62
CA ASP A 65 15.76 -9.96 17.33
C ASP A 65 15.30 -11.05 16.37
N LEU A 66 15.09 -10.68 15.11
CA LEU A 66 14.53 -11.61 14.12
C LEU A 66 15.58 -12.55 13.55
N THR A 67 15.12 -13.68 13.00
CA THR A 67 16.01 -14.63 12.35
C THR A 67 16.57 -14.03 11.07
N LEU A 68 17.77 -14.48 10.69
CA LEU A 68 18.39 -14.04 9.46
C LEU A 68 17.42 -14.21 8.28
N HIS A 69 16.65 -15.28 8.31
CA HIS A 69 15.67 -15.54 7.26
C HIS A 69 14.60 -14.45 7.21
N ASP A 70 14.06 -14.10 8.36
CA ASP A 70 13.01 -13.09 8.44
C ASP A 70 13.52 -11.70 8.09
N GLN A 71 14.74 -11.38 8.49
CA GLN A 71 15.34 -10.11 8.15
C GLN A 71 15.48 -9.96 6.64
N VAL A 72 15.97 -11.02 6.01
CA VAL A 72 16.11 -11.04 4.56
C VAL A 72 14.76 -10.80 3.88
N HIS A 73 13.74 -11.49 4.35
CA HIS A 73 12.40 -11.36 3.78
C HIS A 73 11.87 -9.92 3.87
N LEU A 74 11.95 -9.33 5.05
CA LEU A 74 11.47 -7.95 5.24
C LEU A 74 12.20 -6.96 4.35
N LEU A 75 13.53 -7.06 4.29
CA LEU A 75 14.29 -6.16 3.43
C LEU A 75 13.99 -6.36 1.95
N GLU A 76 13.90 -7.62 1.51
CA GLU A 76 13.57 -7.89 0.12
C GLU A 76 12.21 -7.30 -0.24
N CYS A 77 11.26 -7.38 0.68
CA CYS A 77 9.93 -6.82 0.45
C CYS A 77 9.91 -5.29 0.43
N ALA A 78 10.69 -4.67 1.31
CA ALA A 78 10.52 -3.25 1.60
C ALA A 78 11.58 -2.30 1.03
N TRP A 79 12.67 -2.85 0.50
CA TRP A 79 13.83 -2.01 0.16
C TRP A 79 13.54 -0.80 -0.73
N LEU A 80 12.71 -0.97 -1.76
CA LEU A 80 12.42 0.14 -2.66
C LEU A 80 11.47 1.16 -2.01
N GLU A 81 10.54 0.68 -1.19
CA GLU A 81 9.68 1.57 -0.42
C GLU A 81 10.55 2.46 0.46
N ILE A 82 11.53 1.84 1.11
CA ILE A 82 12.44 2.55 2.00
C ILE A 82 13.26 3.60 1.27
N LEU A 83 13.83 3.24 0.13
CA LEU A 83 14.56 4.20 -0.69
C LEU A 83 13.66 5.37 -1.09
N MET A 84 12.44 5.05 -1.51
CA MET A 84 11.51 6.06 -1.99
C MET A 84 11.03 7.03 -0.92
N ILE A 85 10.70 6.52 0.27
CA ILE A 85 10.27 7.42 1.33
C ILE A 85 11.43 8.32 1.77
N GLY A 86 12.64 7.78 1.75
CA GLY A 86 13.83 8.58 1.99
C GLY A 86 13.96 9.69 0.97
N LEU A 87 13.78 9.33 -0.30
CA LEU A 87 13.86 10.30 -1.39
C LEU A 87 12.80 11.39 -1.26
N VAL A 88 11.57 10.98 -0.97
CA VAL A 88 10.47 11.92 -0.81
C VAL A 88 10.74 12.86 0.36
N TRP A 89 11.21 12.29 1.47
CA TRP A 89 11.53 13.07 2.66
C TRP A 89 12.51 14.21 2.38
N ARG A 90 13.64 13.90 1.76
CA ARG A 90 14.66 14.92 1.55
C ARG A 90 14.31 15.87 0.40
N SER A 91 13.32 15.50 -0.41
CA SER A 91 12.85 16.35 -1.49
C SER A 91 11.76 17.32 -1.00
N MET A 92 11.34 17.15 0.25
CA MET A 92 10.23 17.92 0.81
C MET A 92 10.30 19.41 0.53
N GLU A 93 11.45 20.01 0.82
CA GLU A 93 11.60 21.46 0.68
C GLU A 93 12.08 21.88 -0.71
N HIS A 94 11.94 20.99 -1.68
CA HIS A 94 12.29 21.31 -3.06
C HIS A 94 11.10 21.05 -3.99
N PRO A 95 10.06 21.89 -3.87
CA PRO A 95 8.84 21.70 -4.65
C PRO A 95 9.16 21.50 -6.12
N GLY A 96 8.59 20.46 -6.72
CA GLY A 96 8.78 20.20 -8.14
C GLY A 96 10.08 19.49 -8.49
N LYS A 97 10.86 19.14 -7.47
CA LYS A 97 12.16 18.52 -7.71
C LYS A 97 12.35 17.28 -6.83
N LEU A 98 13.24 16.40 -7.27
CA LEU A 98 13.59 15.22 -6.48
C LEU A 98 15.06 15.27 -6.12
N LEU A 99 15.34 15.31 -4.81
CA LEU A 99 16.71 15.38 -4.33
C LEU A 99 17.27 13.99 -4.13
N PHE A 100 17.69 13.37 -5.23
CA PHE A 100 18.29 12.04 -5.15
C PHE A 100 19.57 12.10 -4.33
N ALA A 101 20.32 13.19 -4.52
CA ALA A 101 21.52 13.45 -3.73
C ALA A 101 21.76 14.96 -3.68
N PRO A 102 22.58 15.43 -2.73
CA PRO A 102 22.81 16.87 -2.62
C PRO A 102 23.31 17.47 -3.92
N ASN A 103 23.95 16.65 -4.75
CA ASN A 103 24.50 17.11 -6.02
C ASN A 103 23.74 16.57 -7.22
N LEU A 104 22.57 15.99 -6.97
CA LEU A 104 21.72 15.47 -8.03
C LEU A 104 20.25 15.81 -7.77
N LEU A 105 19.88 17.05 -8.07
CA LEU A 105 18.52 17.53 -7.88
C LEU A 105 17.80 17.59 -9.23
N LEU A 106 16.86 16.67 -9.43
CA LEU A 106 16.17 16.53 -10.71
C LEU A 106 14.74 17.07 -10.67
N ASP A 107 14.40 17.92 -11.64
CA ASP A 107 13.03 18.39 -11.77
C ASP A 107 12.22 17.37 -12.59
N ARG A 108 10.90 17.55 -12.62
CA ARG A 108 9.98 16.59 -13.25
C ARG A 108 10.36 16.22 -14.69
N ASN A 109 10.60 17.23 -15.52
CA ASN A 109 10.87 17.02 -16.94
C ASN A 109 12.09 16.13 -17.23
N GLN A 110 13.03 16.08 -16.29
CA GLN A 110 14.20 15.22 -16.44
C GLN A 110 13.85 13.75 -16.23
N GLY A 111 12.63 13.50 -15.76
CA GLY A 111 12.11 12.15 -15.67
C GLY A 111 11.90 11.60 -17.07
N LYS A 112 11.62 12.48 -18.01
CA LYS A 112 11.39 12.09 -19.40
C LYS A 112 12.67 11.63 -20.09
N CYS A 113 13.81 11.85 -19.44
CA CYS A 113 15.09 11.39 -19.97
C CYS A 113 15.09 9.87 -20.11
N VAL A 114 14.25 9.22 -19.31
CA VAL A 114 14.13 7.77 -19.33
C VAL A 114 12.69 7.37 -19.62
N GLU A 115 12.52 6.39 -20.50
CA GLU A 115 11.18 5.97 -20.90
C GLU A 115 10.39 5.42 -19.72
N GLY A 116 9.19 5.95 -19.53
CA GLY A 116 8.26 5.46 -18.53
C GLY A 116 8.56 5.93 -17.11
N MET A 117 9.59 6.76 -16.94
CA MET A 117 10.01 7.15 -15.61
C MET A 117 9.32 8.40 -15.09
N VAL A 118 8.92 9.30 -15.97
CA VAL A 118 8.27 10.53 -15.54
C VAL A 118 7.01 10.19 -14.74
N GLU A 119 6.34 9.11 -15.11
CA GLU A 119 5.18 8.63 -14.37
C GLU A 119 5.58 8.32 -12.92
N ILE A 120 6.76 7.74 -12.74
CA ILE A 120 7.25 7.44 -11.39
C ILE A 120 7.59 8.74 -10.66
N PHE A 121 8.26 9.65 -11.36
CA PHE A 121 8.63 10.94 -10.79
C PHE A 121 7.41 11.70 -10.26
N ASP A 122 6.35 11.75 -11.07
CA ASP A 122 5.12 12.43 -10.68
C ASP A 122 4.54 11.90 -9.37
N MET A 123 4.59 10.58 -9.19
CA MET A 123 4.08 9.96 -7.97
C MET A 123 4.93 10.33 -6.75
N LEU A 124 6.26 10.30 -6.93
CA LEU A 124 7.16 10.69 -5.86
C LEU A 124 6.96 12.16 -5.51
N LEU A 125 6.85 12.99 -6.53
CA LEU A 125 6.63 14.42 -6.34
C LEU A 125 5.32 14.71 -5.62
N ALA A 126 4.27 13.96 -5.97
CA ALA A 126 2.97 14.11 -5.32
C ALA A 126 3.05 13.78 -3.84
N THR A 127 3.81 12.74 -3.50
CA THR A 127 3.99 12.33 -2.11
C THR A 127 4.78 13.38 -1.35
N SER A 128 5.78 13.95 -2.01
CA SER A 128 6.59 14.99 -1.41
C SER A 128 5.73 16.20 -1.06
N SER A 129 4.86 16.60 -1.99
CA SER A 129 3.96 17.71 -1.76
C SER A 129 3.04 17.44 -0.58
N ARG A 130 2.60 16.20 -0.46
CA ARG A 130 1.76 15.79 0.66
C ARG A 130 2.51 15.94 1.98
N PHE A 131 3.74 15.43 2.04
CA PHE A 131 4.58 15.60 3.23
C PHE A 131 4.76 17.06 3.56
N ARG A 132 4.98 17.88 2.54
CA ARG A 132 5.16 19.31 2.71
C ARG A 132 3.88 19.94 3.26
N MET A 133 2.74 19.54 2.70
CA MET A 133 1.44 20.04 3.13
C MET A 133 1.17 19.70 4.59
N MET A 134 1.53 18.49 5.01
CA MET A 134 1.31 18.05 6.37
C MET A 134 2.36 18.58 7.34
N ASN A 135 3.39 19.23 6.79
CA ASN A 135 4.54 19.63 7.59
C ASN A 135 5.15 18.44 8.34
N LEU A 136 5.41 17.36 7.61
CA LEU A 136 5.99 16.15 8.19
C LEU A 136 7.31 16.46 8.91
N GLN A 137 7.43 15.96 10.14
CA GLN A 137 8.62 16.18 10.95
C GLN A 137 9.60 15.02 10.86
N GLY A 138 10.88 15.32 11.06
CA GLY A 138 11.92 14.30 11.00
C GLY A 138 11.67 13.13 11.94
N GLU A 139 11.14 13.44 13.12
CA GLU A 139 10.84 12.41 14.11
C GLU A 139 9.75 11.47 13.62
N GLU A 140 8.78 12.03 12.90
CA GLU A 140 7.69 11.24 12.34
C GLU A 140 8.15 10.41 11.16
N PHE A 141 9.05 10.98 10.36
CA PHE A 141 9.57 10.30 9.18
C PHE A 141 10.32 9.02 9.57
N VAL A 142 11.21 9.11 10.55
CA VAL A 142 11.96 7.92 10.95
C VAL A 142 11.02 6.84 11.49
N CYS A 143 9.95 7.26 12.15
CA CYS A 143 8.93 6.30 12.61
C CYS A 143 8.27 5.60 11.43
N LEU A 144 7.83 6.38 10.44
CA LEU A 144 7.16 5.80 9.27
C LEU A 144 8.05 4.81 8.52
N LYS A 145 9.32 5.17 8.38
CA LYS A 145 10.26 4.34 7.63
C LYS A 145 10.47 3.00 8.34
N SER A 146 10.50 3.02 9.67
CA SER A 146 10.66 1.80 10.45
C SER A 146 9.41 0.91 10.32
N ILE A 147 8.25 1.54 10.35
CA ILE A 147 6.99 0.82 10.15
C ILE A 147 6.98 0.08 8.81
N ILE A 148 7.47 0.74 7.77
CA ILE A 148 7.54 0.12 6.45
C ILE A 148 8.40 -1.14 6.48
N LEU A 149 9.58 -1.03 7.09
CA LEU A 149 10.48 -2.17 7.21
C LEU A 149 9.79 -3.38 7.87
N LEU A 150 9.09 -3.14 8.97
CA LEU A 150 8.51 -4.21 9.76
C LEU A 150 7.15 -4.69 9.23
N ASN A 151 6.41 -3.80 8.57
CA ASN A 151 5.06 -4.12 8.09
C ASN A 151 4.98 -4.76 6.71
N SER A 152 5.72 -4.23 5.76
CA SER A 152 5.51 -4.58 4.35
C SER A 152 5.48 -6.09 4.05
N GLY A 153 6.36 -6.85 4.69
CA GLY A 153 6.42 -8.28 4.46
C GLY A 153 5.93 -9.14 5.61
N VAL A 154 5.32 -8.52 6.61
CA VAL A 154 4.94 -9.21 7.84
C VAL A 154 3.86 -10.28 7.62
N TYR A 155 3.09 -10.15 6.55
CA TYR A 155 2.01 -11.10 6.27
C TYR A 155 2.42 -12.15 5.25
N THR A 156 3.63 -12.03 4.73
CA THR A 156 4.14 -12.97 3.74
C THR A 156 4.96 -14.06 4.40
N PHE A 157 4.84 -14.17 5.72
CA PHE A 157 5.55 -15.19 6.48
C PHE A 157 4.90 -16.56 6.31
N LYS A 163 5.33 -22.81 13.07
CA LYS A 163 5.96 -22.97 14.38
C LYS A 163 6.58 -21.67 14.86
N SER A 164 6.60 -20.67 13.99
CA SER A 164 7.22 -19.39 14.31
C SER A 164 6.22 -18.24 14.35
N LEU A 165 5.14 -18.42 15.10
CA LEU A 165 4.14 -17.38 15.26
C LEU A 165 4.55 -16.38 16.34
N GLU A 166 5.51 -16.78 17.16
CA GLU A 166 6.01 -15.93 18.23
C GLU A 166 6.73 -14.72 17.67
N GLU A 167 7.39 -14.90 16.53
CA GLU A 167 8.15 -13.85 15.88
C GLU A 167 7.23 -12.80 15.26
N LYS A 168 6.23 -13.27 14.52
CA LYS A 168 5.25 -12.37 13.92
C LYS A 168 4.55 -11.51 14.98
N ASP A 169 4.28 -12.10 16.14
CA ASP A 169 3.65 -11.39 17.25
C ASP A 169 4.61 -10.37 17.86
N HIS A 170 5.90 -10.72 17.92
CA HIS A 170 6.91 -9.80 18.41
C HIS A 170 6.99 -8.57 17.51
N ILE A 171 6.97 -8.79 16.20
CA ILE A 171 6.99 -7.70 15.23
C ILE A 171 5.78 -6.79 15.38
N HIS A 172 4.63 -7.39 15.72
CA HIS A 172 3.42 -6.61 15.91
C HIS A 172 3.46 -5.79 17.19
N ARG A 173 4.13 -6.32 18.21
CA ARG A 173 4.33 -5.57 19.46
C ARG A 173 5.25 -4.38 19.20
N VAL A 174 6.31 -4.62 18.42
CA VAL A 174 7.22 -3.55 18.05
C VAL A 174 6.49 -2.49 17.22
N LEU A 175 5.66 -2.94 16.29
CA LEU A 175 4.87 -2.02 15.47
C LEU A 175 3.96 -1.15 16.34
N ASP A 176 3.34 -1.76 17.35
CA ASP A 176 2.47 -1.03 18.27
C ASP A 176 3.27 0.04 19.02
N LYS A 177 4.50 -0.30 19.39
CA LYS A 177 5.38 0.64 20.08
C LYS A 177 5.68 1.86 19.20
N ILE A 178 5.89 1.63 17.92
CA ILE A 178 6.16 2.72 17.01
C ILE A 178 4.93 3.62 16.87
N THR A 179 3.75 3.00 16.86
CA THR A 179 2.50 3.76 16.88
C THR A 179 2.44 4.63 18.13
N ASP A 180 2.73 4.03 19.27
CA ASP A 180 2.78 4.78 20.52
C ASP A 180 3.73 5.97 20.38
N THR A 181 4.84 5.74 19.70
CA THR A 181 5.87 6.77 19.55
C THR A 181 5.39 7.93 18.68
N LEU A 182 4.73 7.62 17.57
CA LEU A 182 4.13 8.64 16.71
C LEU A 182 3.13 9.49 17.49
N ILE A 183 2.25 8.82 18.22
CA ILE A 183 1.25 9.48 19.04
C ILE A 183 1.89 10.37 20.10
N HIS A 184 2.95 9.85 20.73
CA HIS A 184 3.72 10.61 21.71
C HIS A 184 4.25 11.93 21.14
N LEU A 185 4.76 11.88 19.92
CA LEU A 185 5.31 13.07 19.27
C LEU A 185 4.20 14.08 19.00
N MET A 186 3.03 13.58 18.62
CA MET A 186 1.90 14.45 18.30
C MET A 186 1.33 15.09 19.55
N ALA A 187 1.24 14.32 20.62
CA ALA A 187 0.81 14.86 21.91
C ALA A 187 1.79 15.93 22.37
N LYS A 188 3.08 15.65 22.26
CA LYS A 188 4.12 16.60 22.65
C LYS A 188 4.06 17.87 21.82
N ALA A 189 3.59 17.74 20.58
CA ALA A 189 3.48 18.87 19.67
C ALA A 189 2.22 19.70 19.95
N GLY A 190 1.40 19.25 20.90
CA GLY A 190 0.24 20.00 21.33
C GLY A 190 -1.05 19.70 20.59
N LEU A 191 -1.05 18.62 19.80
CA LEU A 191 -2.26 18.23 19.09
C LEU A 191 -3.30 17.65 20.06
N THR A 192 -4.56 17.97 19.83
CA THR A 192 -5.63 17.38 20.63
C THR A 192 -5.74 15.90 20.30
N LEU A 193 -6.56 15.19 21.07
CA LEU A 193 -6.76 13.77 20.85
C LEU A 193 -7.28 13.50 19.45
N GLN A 194 -8.29 14.28 19.04
CA GLN A 194 -8.90 14.11 17.74
C GLN A 194 -7.90 14.38 16.62
N GLN A 195 -7.04 15.39 16.83
CA GLN A 195 -6.03 15.75 15.85
C GLN A 195 -4.91 14.72 15.76
N GLN A 196 -4.62 14.08 16.89
CA GLN A 196 -3.62 13.03 16.93
C GLN A 196 -4.04 11.84 16.07
N HIS A 197 -5.27 11.37 16.30
CA HIS A 197 -5.77 10.21 15.56
C HIS A 197 -5.89 10.53 14.08
N GLN A 198 -6.40 11.72 13.76
CA GLN A 198 -6.50 12.15 12.38
C GLN A 198 -5.14 12.18 11.68
N ARG A 199 -4.13 12.75 12.34
CA ARG A 199 -2.81 12.83 11.74
C ARG A 199 -2.15 11.46 11.59
N LEU A 200 -2.35 10.60 12.57
CA LEU A 200 -1.81 9.26 12.52
C LEU A 200 -2.37 8.54 11.30
N ALA A 201 -3.68 8.65 11.12
CA ALA A 201 -4.34 8.05 9.97
C ALA A 201 -3.76 8.60 8.67
N GLN A 202 -3.62 9.91 8.61
CA GLN A 202 -3.11 10.56 7.41
C GLN A 202 -1.73 10.03 7.02
N LEU A 203 -0.86 9.88 8.01
CA LEU A 203 0.49 9.43 7.74
C LEU A 203 0.51 8.00 7.21
N LEU A 204 -0.27 7.12 7.85
CA LEU A 204 -0.28 5.71 7.47
C LEU A 204 -0.92 5.46 6.11
N LEU A 205 -1.87 6.29 5.73
CA LEU A 205 -2.49 6.16 4.41
C LEU A 205 -1.47 6.48 3.31
N ILE A 206 -0.50 7.32 3.64
CA ILE A 206 0.55 7.64 2.67
C ILE A 206 1.40 6.40 2.39
N LEU A 207 1.46 5.49 3.36
CA LEU A 207 2.21 4.25 3.17
C LEU A 207 1.57 3.36 2.10
N SER A 208 0.27 3.54 1.90
CA SER A 208 -0.42 2.85 0.81
C SER A 208 0.11 3.33 -0.53
N HIS A 209 0.29 4.63 -0.66
CA HIS A 209 0.79 5.22 -1.91
CA HIS A 209 0.79 5.22 -1.90
C HIS A 209 2.26 4.87 -2.12
N ILE A 210 3.01 4.77 -1.04
CA ILE A 210 4.42 4.39 -1.12
C ILE A 210 4.57 2.96 -1.60
N ARG A 211 3.70 2.07 -1.12
CA ARG A 211 3.66 0.70 -1.61
C ARG A 211 3.36 0.68 -3.11
N HIS A 212 2.38 1.50 -3.51
CA HIS A 212 2.01 1.59 -4.92
C HIS A 212 3.19 2.03 -5.78
N MET A 213 3.90 3.06 -5.34
CA MET A 213 5.06 3.56 -6.07
C MET A 213 6.17 2.52 -6.18
N SER A 214 6.37 1.77 -5.10
CA SER A 214 7.37 0.71 -5.09
C SER A 214 7.05 -0.38 -6.12
N ASN A 215 5.80 -0.84 -6.12
CA ASN A 215 5.36 -1.84 -7.08
C ASN A 215 5.56 -1.35 -8.52
N LYS A 216 5.19 -0.10 -8.77
CA LYS A 216 5.38 0.50 -10.09
C LYS A 216 6.87 0.64 -10.44
N GLY A 217 7.66 1.10 -9.48
CA GLY A 217 9.08 1.26 -9.71
C GLY A 217 9.79 -0.06 -9.93
N MET A 218 9.33 -1.09 -9.23
CA MET A 218 9.90 -2.41 -9.37
C MET A 218 9.70 -2.93 -10.79
N GLU A 219 8.50 -2.69 -11.32
CA GLU A 219 8.17 -3.08 -12.69
C GLU A 219 9.00 -2.29 -13.70
N HIS A 220 9.19 -1.01 -13.43
CA HIS A 220 9.98 -0.15 -14.32
C HIS A 220 11.44 -0.57 -14.30
N LEU A 221 11.96 -0.80 -13.10
CA LEU A 221 13.34 -1.22 -12.94
C LEU A 221 13.57 -2.55 -13.65
N TYR A 222 12.57 -3.41 -13.61
CA TYR A 222 12.65 -4.71 -14.27
C TYR A 222 12.71 -4.56 -15.78
N SER A 223 11.85 -3.70 -16.33
CA SER A 223 11.81 -3.48 -17.77
C SER A 223 13.13 -2.93 -18.29
N MET A 224 13.72 -2.01 -17.54
CA MET A 224 15.01 -1.45 -17.90
C MET A 224 16.10 -2.52 -17.86
N LYS A 225 15.96 -3.45 -16.92
CA LYS A 225 16.90 -4.56 -16.80
C LYS A 225 16.87 -5.46 -18.04
N CYS A 226 15.69 -6.01 -18.34
CA CYS A 226 15.53 -6.90 -19.48
C CYS A 226 16.04 -6.28 -20.77
N LYS A 227 15.85 -4.97 -20.91
CA LYS A 227 16.29 -4.27 -22.12
C LYS A 227 17.79 -4.05 -22.14
N ASN A 228 18.47 -4.44 -21.05
CA ASN A 228 19.91 -4.24 -20.93
C ASN A 228 20.33 -2.79 -21.19
N VAL A 229 19.48 -1.86 -20.77
CA VAL A 229 19.74 -0.44 -20.95
C VAL A 229 20.62 0.08 -19.82
N VAL A 230 21.05 -0.83 -18.95
CA VAL A 230 21.87 -0.46 -17.80
C VAL A 230 22.34 -1.70 -17.03
N PRO A 231 23.64 -1.74 -16.70
CA PRO A 231 24.20 -2.84 -15.90
C PRO A 231 23.93 -2.68 -14.41
N LEU A 232 23.02 -3.48 -13.88
CA LEU A 232 22.66 -3.43 -12.46
C LEU A 232 23.64 -4.27 -11.64
N SER A 233 23.93 -3.80 -10.42
CA SER A 233 24.81 -4.54 -9.51
C SER A 233 24.21 -5.90 -9.18
N ASP A 234 25.03 -6.84 -8.77
CA ASP A 234 24.56 -8.16 -8.37
C ASP A 234 23.56 -8.05 -7.22
N LEU A 235 23.84 -7.16 -6.28
CA LEU A 235 22.95 -6.93 -5.15
C LEU A 235 21.58 -6.47 -5.63
N LEU A 236 21.57 -5.49 -6.54
CA LEU A 236 20.33 -4.93 -7.05
C LEU A 236 19.52 -5.98 -7.82
N LEU A 237 20.21 -6.80 -8.59
CA LEU A 237 19.56 -7.86 -9.35
C LEU A 237 18.89 -8.88 -8.44
N GLU A 238 19.55 -9.21 -7.34
CA GLU A 238 18.99 -10.16 -6.38
C GLU A 238 17.78 -9.58 -5.65
N MET A 239 17.85 -8.31 -5.30
CA MET A 239 16.72 -7.62 -4.67
C MET A 239 15.53 -7.60 -5.61
N LEU A 240 15.79 -7.31 -6.88
CA LEU A 240 14.76 -7.25 -7.90
C LEU A 240 14.18 -8.63 -8.13
N ASP A 241 15.05 -9.63 -8.15
CA ASP A 241 14.66 -11.02 -8.40
C ASP A 241 13.67 -11.53 -7.36
N ALA A 242 13.78 -11.00 -6.14
CA ALA A 242 12.92 -11.44 -5.04
C ALA A 242 11.47 -11.03 -5.24
N HIS A 243 11.25 -10.01 -6.07
CA HIS A 243 9.89 -9.52 -6.32
C HIS A 243 9.22 -10.19 -7.52
N ARG A 244 9.99 -10.97 -8.27
CA ARG A 244 9.44 -11.66 -9.44
C ARG A 244 9.53 -13.18 -9.28
N SER B 1 -21.14 20.82 2.95
CA SER B 1 -21.38 19.45 2.51
C SER B 1 -22.10 18.64 3.59
N LEU B 2 -23.05 17.82 3.16
CA LEU B 2 -23.83 17.00 4.09
C LEU B 2 -22.97 15.96 4.77
N ALA B 3 -21.96 15.46 4.05
CA ALA B 3 -21.10 14.41 4.55
C ALA B 3 -20.36 14.82 5.82
N LEU B 4 -19.93 16.08 5.87
CA LEU B 4 -19.15 16.57 7.00
C LEU B 4 -20.01 16.81 8.23
N SER B 5 -21.30 17.02 8.04
CA SER B 5 -22.21 17.27 9.15
C SER B 5 -22.74 15.94 9.72
N LEU B 6 -22.35 14.84 9.10
CA LEU B 6 -22.74 13.52 9.58
C LEU B 6 -22.02 13.18 10.88
N THR B 7 -22.78 12.71 11.86
CA THR B 7 -22.19 12.19 13.08
C THR B 7 -21.50 10.87 12.75
N ALA B 8 -20.80 10.30 13.74
CA ALA B 8 -20.15 9.02 13.54
C ALA B 8 -21.19 7.92 13.31
N ASP B 9 -22.19 7.87 14.19
CA ASP B 9 -23.23 6.86 14.10
C ASP B 9 -24.01 6.93 12.80
N GLN B 10 -24.17 8.14 12.27
CA GLN B 10 -24.88 8.32 11.01
C GLN B 10 -24.01 7.88 9.83
N MET B 11 -22.70 8.07 9.98
CA MET B 11 -21.74 7.62 8.98
C MET B 11 -21.80 6.10 8.84
N VAL B 12 -21.69 5.42 9.97
CA VAL B 12 -21.74 3.95 10.01
C VAL B 12 -23.03 3.42 9.39
N SER B 13 -24.15 4.00 9.78
CA SER B 13 -25.46 3.59 9.26
C SER B 13 -25.50 3.69 7.75
N ALA B 14 -25.10 4.84 7.21
CA ALA B 14 -25.12 5.06 5.77
C ALA B 14 -24.26 4.03 5.05
N LEU B 15 -23.07 3.77 5.57
CA LEU B 15 -22.14 2.84 4.94
C LEU B 15 -22.67 1.41 5.02
N LEU B 16 -23.19 1.02 6.19
CA LEU B 16 -23.77 -0.30 6.34
C LEU B 16 -24.96 -0.49 5.41
N ASP B 17 -25.75 0.57 5.25
CA ASP B 17 -26.94 0.52 4.42
C ASP B 17 -26.58 0.45 2.93
N ALA B 18 -25.41 0.95 2.58
CA ALA B 18 -24.99 1.00 1.18
C ALA B 18 -24.25 -0.27 0.76
N GLU B 19 -24.07 -1.19 1.70
CA GLU B 19 -23.36 -2.43 1.43
C GLU B 19 -23.98 -3.19 0.26
N PRO B 20 -23.15 -3.60 -0.70
CA PRO B 20 -23.65 -4.40 -1.83
C PRO B 20 -23.95 -5.83 -1.40
N PRO B 21 -24.82 -6.51 -2.15
CA PRO B 21 -25.18 -7.90 -1.82
C PRO B 21 -24.05 -8.85 -2.17
N ILE B 22 -24.06 -10.04 -1.59
CA ILE B 22 -23.14 -11.09 -2.00
C ILE B 22 -23.70 -11.81 -3.22
N LEU B 23 -22.97 -11.74 -4.33
CA LEU B 23 -23.45 -12.26 -5.60
C LEU B 23 -23.00 -13.71 -5.81
N TYR B 24 -23.76 -14.44 -6.63
CA TYR B 24 -23.37 -15.80 -7.01
C TYR B 24 -22.51 -15.80 -8.26
N SER B 25 -21.66 -16.82 -8.38
CA SER B 25 -20.87 -17.00 -9.59
C SER B 25 -21.64 -17.89 -10.55
N GLU B 26 -21.14 -17.99 -11.78
CA GLU B 26 -21.74 -18.85 -12.78
CA GLU B 26 -21.75 -18.85 -12.79
C GLU B 26 -21.16 -20.26 -12.72
N TYR B 27 -20.66 -20.63 -11.55
CA TYR B 27 -20.02 -21.94 -11.39
C TYR B 27 -20.90 -23.09 -11.87
N ASP B 28 -20.34 -23.91 -12.75
CA ASP B 28 -21.03 -25.09 -13.27
C ASP B 28 -20.35 -26.35 -12.76
N PRO B 29 -20.97 -27.04 -11.80
CA PRO B 29 -20.40 -28.23 -11.16
C PRO B 29 -20.40 -29.47 -12.05
N THR B 30 -20.91 -29.37 -13.27
CA THR B 30 -20.96 -30.52 -14.16
C THR B 30 -19.66 -30.68 -14.93
N ARG B 31 -18.79 -29.68 -14.85
CA ARG B 31 -17.56 -29.66 -15.62
C ARG B 31 -16.35 -29.43 -14.73
N PRO B 32 -15.20 -30.01 -15.09
CA PRO B 32 -13.95 -29.74 -14.37
C PRO B 32 -13.44 -28.34 -14.70
N PHE B 33 -12.61 -27.78 -13.83
CA PHE B 33 -12.02 -26.47 -14.07
C PHE B 33 -10.91 -26.55 -15.11
N SER B 34 -10.80 -25.51 -15.92
CA SER B 34 -9.60 -25.28 -16.71
C SER B 34 -9.09 -23.90 -16.34
N GLU B 35 -7.88 -23.57 -16.78
CA GLU B 35 -7.34 -22.24 -16.54
C GLU B 35 -8.31 -21.21 -17.09
N ALA B 36 -8.83 -21.49 -18.28
CA ALA B 36 -9.74 -20.58 -18.97
C ALA B 36 -11.09 -20.45 -18.27
N SER B 37 -11.66 -21.57 -17.84
CA SER B 37 -12.99 -21.53 -17.22
C SER B 37 -12.97 -20.88 -15.84
N MET B 38 -11.88 -21.11 -15.09
CA MET B 38 -11.77 -20.47 -13.78
C MET B 38 -11.58 -18.96 -13.91
N MET B 39 -10.71 -18.55 -14.84
CA MET B 39 -10.55 -17.12 -15.10
C MET B 39 -11.87 -16.51 -15.56
N GLY B 40 -12.62 -17.25 -16.36
CA GLY B 40 -13.93 -16.80 -16.82
C GLY B 40 -14.88 -16.58 -15.66
N LEU B 41 -14.92 -17.54 -14.74
CA LEU B 41 -15.76 -17.43 -13.55
C LEU B 41 -15.44 -16.20 -12.73
N LEU B 42 -14.16 -16.06 -12.35
CA LEU B 42 -13.73 -14.97 -11.49
C LEU B 42 -13.92 -13.60 -12.15
N THR B 43 -13.68 -13.52 -13.45
CA THR B 43 -13.83 -12.24 -14.15
C THR B 43 -15.30 -11.89 -14.41
N ASN B 44 -16.11 -12.92 -14.69
CA ASN B 44 -17.55 -12.70 -14.82
C ASN B 44 -18.11 -12.17 -13.52
N LEU B 45 -17.64 -12.73 -12.41
CA LEU B 45 -18.03 -12.29 -11.07
C LEU B 45 -17.62 -10.84 -10.81
N ALA B 46 -16.35 -10.54 -11.05
CA ALA B 46 -15.85 -9.18 -10.82
C ALA B 46 -16.67 -8.17 -11.60
N ASP B 47 -17.04 -8.53 -12.82
CA ASP B 47 -17.81 -7.65 -13.69
C ASP B 47 -19.17 -7.29 -13.08
N ARG B 48 -19.92 -8.30 -12.64
CA ARG B 48 -21.21 -8.04 -12.01
CA ARG B 48 -21.21 -8.03 -12.02
C ARG B 48 -21.05 -7.28 -10.70
N GLU B 49 -19.97 -7.56 -9.98
CA GLU B 49 -19.68 -6.84 -8.75
C GLU B 49 -19.40 -5.37 -9.01
N LEU B 50 -18.72 -5.07 -10.12
CA LEU B 50 -18.35 -3.70 -10.45
C LEU B 50 -19.58 -2.80 -10.56
N VAL B 51 -20.63 -3.32 -11.17
CA VAL B 51 -21.87 -2.57 -11.33
C VAL B 51 -22.42 -2.16 -9.98
N HIS B 52 -22.42 -3.09 -9.04
CA HIS B 52 -22.87 -2.81 -7.67
C HIS B 52 -21.93 -1.85 -6.96
N MET B 53 -20.64 -1.96 -7.25
CA MET B 53 -19.65 -1.10 -6.61
C MET B 53 -19.84 0.35 -7.02
N ILE B 54 -20.12 0.56 -8.30
CA ILE B 54 -20.29 1.91 -8.83
C ILE B 54 -21.44 2.59 -8.10
N ASN B 55 -22.52 1.86 -7.89
CA ASN B 55 -23.68 2.38 -7.18
C ASN B 55 -23.45 2.52 -5.67
N TRP B 56 -22.62 1.66 -5.11
CA TRP B 56 -22.20 1.78 -3.73
C TRP B 56 -21.38 3.06 -3.52
N ALA B 57 -20.47 3.34 -4.44
CA ALA B 57 -19.61 4.51 -4.33
C ALA B 57 -20.43 5.80 -4.25
N LYS B 58 -21.48 5.87 -5.07
CA LYS B 58 -22.37 7.04 -5.06
C LYS B 58 -22.98 7.29 -3.69
N ARG B 59 -23.02 6.26 -2.86
CA ARG B 59 -23.61 6.36 -1.53
C ARG B 59 -22.59 6.56 -0.42
N VAL B 60 -21.30 6.51 -0.78
CA VAL B 60 -20.26 6.85 0.17
C VAL B 60 -20.24 8.37 0.35
N PRO B 61 -20.56 8.84 1.57
CA PRO B 61 -20.65 10.28 1.86
C PRO B 61 -19.47 11.06 1.28
N GLY B 62 -19.77 12.13 0.54
CA GLY B 62 -18.73 12.98 -0.02
C GLY B 62 -18.36 12.64 -1.45
N PHE B 63 -18.60 11.40 -1.87
CA PHE B 63 -18.19 10.95 -3.18
C PHE B 63 -18.87 11.70 -4.32
N VAL B 64 -20.19 11.88 -4.22
CA VAL B 64 -20.95 12.51 -5.30
C VAL B 64 -20.68 14.02 -5.39
N ASP B 65 -19.98 14.56 -4.40
CA ASP B 65 -19.61 15.98 -4.41
C ASP B 65 -18.50 16.23 -5.42
N LEU B 66 -17.83 15.17 -5.84
CA LEU B 66 -16.70 15.30 -6.75
C LEU B 66 -17.18 15.39 -8.20
N THR B 67 -16.34 15.93 -9.07
CA THR B 67 -16.64 15.94 -10.50
C THR B 67 -16.64 14.51 -11.02
N LEU B 68 -17.37 14.26 -12.11
CA LEU B 68 -17.41 12.93 -12.70
C LEU B 68 -16.00 12.43 -13.04
N HIS B 69 -15.15 13.34 -13.48
N HIS B 69 -15.13 13.33 -13.47
CA HIS B 69 -13.76 13.02 -13.78
CA HIS B 69 -13.76 12.97 -13.80
C HIS B 69 -13.06 12.42 -12.57
C HIS B 69 -13.01 12.46 -12.58
N ASP B 70 -13.29 13.04 -11.42
CA ASP B 70 -12.65 12.61 -10.17
C ASP B 70 -13.23 11.29 -9.67
N GLN B 71 -14.54 11.14 -9.78
CA GLN B 71 -15.20 9.88 -9.41
C GLN B 71 -14.65 8.74 -10.27
N VAL B 72 -14.55 9.00 -11.57
CA VAL B 72 -13.99 8.03 -12.51
C VAL B 72 -12.57 7.62 -12.08
N HIS B 73 -11.75 8.62 -11.77
CA HIS B 73 -10.37 8.36 -11.39
C HIS B 73 -10.23 7.52 -10.13
N LEU B 74 -10.94 7.91 -9.07
CA LEU B 74 -10.90 7.16 -7.81
C LEU B 74 -11.30 5.71 -7.97
N LEU B 75 -12.36 5.46 -8.73
CA LEU B 75 -12.83 4.09 -8.93
C LEU B 75 -11.86 3.30 -9.81
N GLU B 76 -11.34 3.94 -10.84
CA GLU B 76 -10.36 3.29 -11.71
C GLU B 76 -9.13 2.88 -10.90
N CYS B 77 -8.75 3.72 -9.94
CA CYS B 77 -7.60 3.44 -9.11
C CYS B 77 -7.86 2.33 -8.09
N ALA B 78 -9.05 2.32 -7.50
CA ALA B 78 -9.33 1.49 -6.33
C ALA B 78 -10.17 0.24 -6.55
N TRP B 79 -10.70 0.04 -7.76
CA TRP B 79 -11.70 -1.01 -7.96
C TRP B 79 -11.26 -2.40 -7.51
N LEU B 80 -10.03 -2.79 -7.83
CA LEU B 80 -9.57 -4.13 -7.47
C LEU B 80 -9.26 -4.24 -5.98
N GLU B 81 -8.70 -3.18 -5.40
CA GLU B 81 -8.53 -3.13 -3.95
C GLU B 81 -9.87 -3.34 -3.26
N ILE B 82 -10.91 -2.69 -3.79
CA ILE B 82 -12.23 -2.77 -3.19
C ILE B 82 -12.83 -4.17 -3.32
N LEU B 83 -12.67 -4.77 -4.49
CA LEU B 83 -13.09 -6.16 -4.67
C LEU B 83 -12.34 -7.09 -3.72
N MET B 84 -11.05 -6.85 -3.58
CA MET B 84 -10.24 -7.74 -2.76
C MET B 84 -10.55 -7.63 -1.27
N ILE B 85 -10.76 -6.41 -0.76
CA ILE B 85 -11.06 -6.29 0.66
C ILE B 85 -12.41 -6.92 0.97
N GLY B 86 -13.34 -6.82 0.02
CA GLY B 86 -14.63 -7.47 0.16
C GLY B 86 -14.48 -8.98 0.23
N LEU B 87 -13.67 -9.53 -0.69
CA LEU B 87 -13.42 -10.97 -0.71
C LEU B 87 -12.80 -11.45 0.60
N VAL B 88 -11.77 -10.75 1.06
CA VAL B 88 -11.09 -11.11 2.30
C VAL B 88 -12.06 -11.05 3.47
N TRP B 89 -12.94 -10.05 3.47
CA TRP B 89 -13.93 -9.88 4.52
C TRP B 89 -14.91 -11.06 4.60
N ARG B 90 -15.50 -11.45 3.47
CA ARG B 90 -16.48 -12.53 3.50
C ARG B 90 -15.83 -13.90 3.64
N SER B 91 -14.51 -13.96 3.45
CA SER B 91 -13.77 -15.20 3.64
C SER B 91 -13.32 -15.40 5.09
N MET B 92 -13.50 -14.36 5.90
CA MET B 92 -13.03 -14.39 7.30
C MET B 92 -13.37 -15.68 8.02
N GLU B 93 -14.61 -16.11 7.95
CA GLU B 93 -15.07 -17.27 8.70
C GLU B 93 -14.85 -18.58 7.96
N HIS B 94 -13.96 -18.55 6.96
CA HIS B 94 -13.62 -19.74 6.19
C HIS B 94 -12.11 -19.91 6.09
N PRO B 95 -11.46 -20.31 7.20
CA PRO B 95 -10.02 -20.49 7.24
C PRO B 95 -9.52 -21.37 6.09
N GLY B 96 -8.54 -20.88 5.33
CA GLY B 96 -7.96 -21.64 4.24
C GLY B 96 -8.70 -21.54 2.93
N LYS B 97 -9.78 -20.79 2.89
CA LYS B 97 -10.58 -20.68 1.68
C LYS B 97 -10.96 -19.25 1.36
N LEU B 98 -11.15 -18.97 0.08
CA LEU B 98 -11.62 -17.67 -0.37
C LEU B 98 -13.06 -17.80 -0.86
N LEU B 99 -13.98 -17.12 -0.19
CA LEU B 99 -15.38 -17.18 -0.55
C LEU B 99 -15.68 -16.16 -1.64
N PHE B 100 -15.31 -16.49 -2.87
CA PHE B 100 -15.58 -15.59 -3.98
C PHE B 100 -17.08 -15.40 -4.11
N ALA B 101 -17.82 -16.49 -3.95
CA ALA B 101 -19.27 -16.49 -3.97
C ALA B 101 -19.73 -17.64 -3.10
N PRO B 102 -21.01 -17.64 -2.71
CA PRO B 102 -21.52 -18.75 -1.90
C PRO B 102 -21.35 -20.09 -2.60
N ASN B 103 -21.41 -20.08 -3.93
CA ASN B 103 -21.24 -21.30 -4.72
C ASN B 103 -19.85 -21.43 -5.29
N LEU B 104 -18.92 -20.59 -4.83
CA LEU B 104 -17.55 -20.63 -5.30
C LEU B 104 -16.57 -20.37 -4.15
N LEU B 105 -16.27 -21.44 -3.41
CA LEU B 105 -15.39 -21.36 -2.25
C LEU B 105 -14.10 -22.14 -2.57
N LEU B 106 -13.01 -21.40 -2.76
CA LEU B 106 -11.79 -22.01 -3.28
C LEU B 106 -10.62 -22.00 -2.31
N ASP B 107 -9.89 -23.12 -2.23
CA ASP B 107 -8.66 -23.19 -1.47
C ASP B 107 -7.47 -22.92 -2.39
N ARG B 108 -6.27 -22.84 -1.83
CA ARG B 108 -5.11 -22.46 -2.61
C ARG B 108 -4.79 -23.47 -3.70
N ASN B 109 -5.15 -24.74 -3.47
CA ASN B 109 -4.88 -25.78 -4.45
C ASN B 109 -5.71 -25.61 -5.72
N GLN B 110 -6.90 -25.03 -5.57
CA GLN B 110 -7.75 -24.75 -6.71
C GLN B 110 -7.25 -23.52 -7.46
N GLY B 111 -6.50 -22.67 -6.77
CA GLY B 111 -5.90 -21.51 -7.39
C GLY B 111 -4.82 -21.89 -8.38
N LYS B 112 -4.19 -23.05 -8.15
CA LYS B 112 -3.11 -23.52 -9.00
C LYS B 112 -3.58 -23.81 -10.43
N CYS B 113 -4.89 -23.92 -10.60
CA CYS B 113 -5.46 -24.18 -11.92
C CYS B 113 -5.06 -23.09 -12.91
N VAL B 114 -4.93 -21.87 -12.41
CA VAL B 114 -4.54 -20.74 -13.24
C VAL B 114 -3.07 -20.37 -13.01
N GLU B 115 -2.33 -20.25 -14.10
CA GLU B 115 -0.91 -19.92 -14.04
C GLU B 115 -0.68 -18.65 -13.22
N GLY B 116 0.08 -18.77 -12.15
CA GLY B 116 0.48 -17.63 -11.34
C GLY B 116 -0.55 -17.09 -10.36
N MET B 117 -1.71 -17.74 -10.28
CA MET B 117 -2.78 -17.21 -9.43
C MET B 117 -2.66 -17.64 -7.97
N VAL B 118 -2.06 -18.80 -7.73
CA VAL B 118 -1.93 -19.28 -6.35
C VAL B 118 -1.17 -18.29 -5.48
N GLU B 119 -0.23 -17.56 -6.09
CA GLU B 119 0.50 -16.52 -5.37
C GLU B 119 -0.46 -15.45 -4.86
N ILE B 120 -1.40 -15.05 -5.71
CA ILE B 120 -2.41 -14.07 -5.33
C ILE B 120 -3.34 -14.64 -4.26
N PHE B 121 -3.79 -15.88 -4.46
CA PHE B 121 -4.64 -16.53 -3.47
C PHE B 121 -3.95 -16.54 -2.10
N ASP B 122 -2.67 -16.89 -2.08
CA ASP B 122 -1.91 -16.95 -0.82
C ASP B 122 -1.91 -15.60 -0.08
N MET B 123 -1.72 -14.51 -0.82
CA MET B 123 -1.75 -13.18 -0.21
C MET B 123 -3.14 -12.83 0.33
N LEU B 124 -4.17 -13.16 -0.43
CA LEU B 124 -5.54 -12.91 0.00
C LEU B 124 -5.88 -13.71 1.26
N LEU B 125 -5.51 -14.99 1.27
CA LEU B 125 -5.73 -15.85 2.42
C LEU B 125 -4.99 -15.34 3.66
N ALA B 126 -3.79 -14.83 3.46
CA ALA B 126 -3.00 -14.29 4.56
C ALA B 126 -3.69 -13.08 5.16
N THR B 127 -4.26 -12.23 4.31
CA THR B 127 -4.98 -11.05 4.77
C THR B 127 -6.24 -11.46 5.51
N SER B 128 -6.90 -12.50 5.01
CA SER B 128 -8.11 -12.99 5.64
C SER B 128 -7.82 -13.50 7.05
N SER B 129 -6.70 -14.19 7.21
CA SER B 129 -6.27 -14.68 8.51
C SER B 129 -6.01 -13.52 9.46
N ARG B 130 -5.46 -12.43 8.93
CA ARG B 130 -5.16 -11.25 9.73
C ARG B 130 -6.44 -10.59 10.25
N PHE B 131 -7.43 -10.44 9.38
CA PHE B 131 -8.74 -9.94 9.79
C PHE B 131 -9.29 -10.79 10.92
N ARG B 132 -9.19 -12.10 10.75
CA ARG B 132 -9.73 -13.06 11.71
C ARG B 132 -9.00 -12.94 13.04
N MET B 133 -7.69 -12.77 12.97
CA MET B 133 -6.88 -12.59 14.18
C MET B 133 -7.23 -11.30 14.92
N MET B 134 -7.47 -10.23 14.16
CA MET B 134 -7.83 -8.94 14.74
C MET B 134 -9.30 -8.90 15.14
N ASN B 135 -10.05 -9.91 14.71
CA ASN B 135 -11.50 -9.92 14.91
C ASN B 135 -12.13 -8.66 14.30
N LEU B 136 -11.79 -8.39 13.05
CA LEU B 136 -12.31 -7.22 12.36
C LEU B 136 -13.84 -7.20 12.38
N GLN B 137 -14.41 -6.05 12.71
CA GLN B 137 -15.86 -5.90 12.78
C GLN B 137 -16.41 -5.30 11.49
N GLY B 138 -17.67 -5.59 11.20
CA GLY B 138 -18.32 -5.09 9.99
C GLY B 138 -18.31 -3.59 9.88
N GLU B 139 -18.53 -2.90 11.00
CA GLU B 139 -18.50 -1.44 11.02
C GLU B 139 -17.12 -0.92 10.64
N GLU B 140 -16.08 -1.59 11.12
CA GLU B 140 -14.71 -1.21 10.79
C GLU B 140 -14.43 -1.49 9.32
N PHE B 141 -14.92 -2.64 8.86
CA PHE B 141 -14.73 -3.04 7.46
C PHE B 141 -15.29 -2.01 6.48
N VAL B 142 -16.51 -1.53 6.71
CA VAL B 142 -17.11 -0.59 5.77
C VAL B 142 -16.38 0.75 5.79
N CYS B 143 -15.84 1.14 6.94
CA CYS B 143 -15.01 2.33 7.03
C CYS B 143 -13.74 2.16 6.19
N LEU B 144 -13.08 1.02 6.35
CA LEU B 144 -11.85 0.72 5.61
C LEU B 144 -12.08 0.71 4.12
N LYS B 145 -13.21 0.16 3.68
CA LYS B 145 -13.48 0.05 2.25
C LYS B 145 -13.72 1.45 1.65
N SER B 146 -14.37 2.31 2.42
CA SER B 146 -14.60 3.69 1.97
CA SER B 146 -14.60 3.69 1.97
C SER B 146 -13.30 4.50 1.95
N ILE B 147 -12.42 4.24 2.91
CA ILE B 147 -11.13 4.90 2.93
C ILE B 147 -10.35 4.56 1.66
N ILE B 148 -10.38 3.29 1.28
CA ILE B 148 -9.72 2.84 0.06
C ILE B 148 -10.22 3.62 -1.15
N LEU B 149 -11.54 3.74 -1.27
CA LEU B 149 -12.15 4.47 -2.39
C LEU B 149 -11.63 5.90 -2.47
N LEU B 150 -11.61 6.58 -1.34
CA LEU B 150 -11.27 8.00 -1.31
C LEU B 150 -9.76 8.25 -1.37
N ASN B 151 -8.98 7.31 -0.87
CA ASN B 151 -7.54 7.53 -0.68
C ASN B 151 -6.63 7.08 -1.83
N SER B 152 -6.93 5.94 -2.41
CA SER B 152 -6.01 5.28 -3.33
C SER B 152 -5.59 6.14 -4.52
N GLY B 153 -6.50 6.97 -5.01
CA GLY B 153 -6.21 7.81 -6.16
C GLY B 153 -6.17 9.29 -5.84
N VAL B 154 -6.17 9.63 -4.55
CA VAL B 154 -6.26 11.03 -4.15
C VAL B 154 -5.00 11.83 -4.42
N TYR B 155 -3.83 11.18 -4.33
CA TYR B 155 -2.56 11.88 -4.51
C TYR B 155 -2.15 11.96 -5.98
N THR B 156 -2.70 11.06 -6.79
CA THR B 156 -2.46 11.11 -8.23
C THR B 156 -3.43 12.09 -8.89
N PHE B 157 -3.96 13.01 -8.09
CA PHE B 157 -4.81 14.08 -8.58
C PHE B 157 -3.98 15.24 -9.12
N GLU B 166 -10.52 23.50 -1.90
CA GLU B 166 -10.83 22.81 -3.15
C GLU B 166 -11.23 21.35 -2.88
N GLU B 167 -11.41 20.59 -3.95
CA GLU B 167 -11.88 19.21 -3.85
C GLU B 167 -10.90 18.28 -3.13
N LYS B 168 -9.60 18.46 -3.37
CA LYS B 168 -8.60 17.65 -2.68
C LYS B 168 -8.81 17.74 -1.17
N ASP B 169 -8.95 18.97 -0.69
CA ASP B 169 -9.16 19.22 0.74
CA ASP B 169 -9.16 19.22 0.74
C ASP B 169 -10.48 18.59 1.21
N HIS B 170 -11.49 18.66 0.35
CA HIS B 170 -12.78 18.06 0.66
C HIS B 170 -12.65 16.57 0.91
N ILE B 171 -11.93 15.89 0.04
CA ILE B 171 -11.71 14.45 0.18
C ILE B 171 -10.98 14.15 1.49
N HIS B 172 -10.07 15.03 1.87
CA HIS B 172 -9.29 14.84 3.09
C HIS B 172 -10.12 15.11 4.35
N ARG B 173 -11.03 16.08 4.26
CA ARG B 173 -11.95 16.33 5.35
C ARG B 173 -12.83 15.10 5.59
N VAL B 174 -13.30 14.50 4.51
CA VAL B 174 -14.12 13.30 4.59
C VAL B 174 -13.33 12.15 5.18
N LEU B 175 -12.10 11.96 4.71
CA LEU B 175 -11.24 10.91 5.24
C LEU B 175 -11.00 11.10 6.74
N ASP B 176 -10.82 12.35 7.16
CA ASP B 176 -10.66 12.65 8.57
C ASP B 176 -11.92 12.24 9.35
N LYS B 177 -13.08 12.50 8.76
CA LYS B 177 -14.36 12.10 9.36
C LYS B 177 -14.42 10.59 9.57
N ILE B 178 -13.93 9.83 8.59
CA ILE B 178 -13.94 8.38 8.70
C ILE B 178 -13.00 7.92 9.81
N THR B 179 -11.90 8.65 10.01
CA THR B 179 -10.99 8.35 11.11
C THR B 179 -11.72 8.56 12.43
N ASP B 180 -12.39 9.70 12.57
CA ASP B 180 -13.17 9.99 13.76
C ASP B 180 -14.19 8.87 14.00
N THR B 181 -14.78 8.37 12.92
CA THR B 181 -15.76 7.30 13.01
C THR B 181 -15.13 6.00 13.51
N LEU B 182 -13.97 5.65 12.97
CA LEU B 182 -13.27 4.45 13.42
C LEU B 182 -12.94 4.52 14.90
N ILE B 183 -12.42 5.67 15.34
CA ILE B 183 -12.12 5.87 16.75
C ILE B 183 -13.39 5.75 17.59
N HIS B 184 -14.46 6.37 17.12
CA HIS B 184 -15.75 6.32 17.79
C HIS B 184 -16.20 4.88 18.00
N LEU B 185 -16.10 4.07 16.94
CA LEU B 185 -16.47 2.67 17.01
C LEU B 185 -15.65 1.92 18.06
N MET B 186 -14.34 2.14 18.04
CA MET B 186 -13.44 1.43 18.96
C MET B 186 -13.69 1.81 20.42
N ALA B 187 -13.92 3.09 20.67
CA ALA B 187 -14.24 3.55 22.02
C ALA B 187 -15.56 2.93 22.49
N LYS B 188 -16.55 2.96 21.60
CA LYS B 188 -17.86 2.39 21.91
C LYS B 188 -17.74 0.90 22.22
N ALA B 189 -16.75 0.25 21.63
CA ALA B 189 -16.53 -1.19 21.84
C ALA B 189 -15.70 -1.46 23.10
N GLY B 190 -15.29 -0.41 23.80
CA GLY B 190 -14.63 -0.56 25.07
C GLY B 190 -13.10 -0.55 25.04
N LEU B 191 -12.52 -0.30 23.89
CA LEU B 191 -11.06 -0.21 23.79
C LEU B 191 -10.55 0.99 24.57
N THR B 192 -9.44 0.82 25.27
CA THR B 192 -8.82 1.93 25.98
C THR B 192 -8.26 2.94 24.99
N LEU B 193 -7.93 4.13 25.48
CA LEU B 193 -7.40 5.18 24.63
C LEU B 193 -6.19 4.69 23.83
N GLN B 194 -5.25 4.03 24.50
CA GLN B 194 -4.06 3.50 23.85
CA GLN B 194 -4.06 3.51 23.83
C GLN B 194 -4.42 2.41 22.83
N GLN B 195 -5.32 1.52 23.21
CA GLN B 195 -5.75 0.46 22.30
C GLN B 195 -6.38 1.04 21.05
N GLN B 196 -7.03 2.19 21.20
CA GLN B 196 -7.68 2.85 20.08
C GLN B 196 -6.71 3.26 18.99
N HIS B 197 -5.63 3.96 19.35
CA HIS B 197 -4.67 4.37 18.35
C HIS B 197 -3.86 3.18 17.81
N GLN B 198 -3.62 2.20 18.66
CA GLN B 198 -2.93 0.99 18.23
C GLN B 198 -3.73 0.20 17.18
N ARG B 199 -5.03 0.04 17.43
CA ARG B 199 -5.88 -0.69 16.48
C ARG B 199 -6.07 0.11 15.20
N LEU B 200 -6.23 1.43 15.32
CA LEU B 200 -6.36 2.28 14.15
C LEU B 200 -5.19 2.05 13.21
N ALA B 201 -3.99 2.03 13.76
CA ALA B 201 -2.78 1.83 12.98
C ALA B 201 -2.73 0.43 12.35
N GLN B 202 -3.08 -0.60 13.13
CA GLN B 202 -3.09 -1.97 12.60
C GLN B 202 -4.03 -2.09 11.40
N LEU B 203 -5.21 -1.49 11.50
CA LEU B 203 -6.19 -1.56 10.42
C LEU B 203 -5.69 -0.84 9.16
N LEU B 204 -5.16 0.37 9.34
CA LEU B 204 -4.69 1.16 8.20
C LEU B 204 -3.48 0.53 7.51
N LEU B 205 -2.60 -0.10 8.29
CA LEU B 205 -1.45 -0.77 7.72
C LEU B 205 -1.85 -1.94 6.81
N ILE B 206 -3.02 -2.53 7.09
CA ILE B 206 -3.57 -3.58 6.22
C ILE B 206 -3.79 -3.05 4.80
N LEU B 207 -4.18 -1.79 4.70
CA LEU B 207 -4.45 -1.16 3.41
C LEU B 207 -3.21 -1.15 2.52
N SER B 208 -2.03 -1.12 3.12
CA SER B 208 -0.78 -1.20 2.37
CA SER B 208 -0.80 -1.19 2.35
C SER B 208 -0.68 -2.56 1.69
N HIS B 209 -1.07 -3.60 2.42
CA HIS B 209 -1.05 -4.96 1.89
CA HIS B 209 -1.05 -4.97 1.89
C HIS B 209 -2.13 -5.15 0.83
N ILE B 210 -3.26 -4.49 1.02
CA ILE B 210 -4.34 -4.56 0.04
C ILE B 210 -3.91 -3.88 -1.25
N ARG B 211 -3.23 -2.73 -1.14
CA ARG B 211 -2.69 -2.06 -2.32
C ARG B 211 -1.74 -3.00 -3.07
N HIS B 212 -0.86 -3.65 -2.31
CA HIS B 212 0.12 -4.56 -2.90
C HIS B 212 -0.56 -5.69 -3.69
N MET B 213 -1.57 -6.29 -3.08
CA MET B 213 -2.30 -7.40 -3.73
C MET B 213 -3.01 -6.91 -4.99
N SER B 214 -3.58 -5.72 -4.93
CA SER B 214 -4.24 -5.14 -6.10
C SER B 214 -3.26 -4.96 -7.26
N ASN B 215 -2.07 -4.43 -6.97
CA ASN B 215 -1.08 -4.24 -8.01
C ASN B 215 -0.62 -5.57 -8.62
N LYS B 216 -0.43 -6.56 -7.76
CA LYS B 216 -0.04 -7.88 -8.23
C LYS B 216 -1.17 -8.54 -9.04
N GLY B 217 -2.41 -8.36 -8.57
CA GLY B 217 -3.57 -8.88 -9.26
C GLY B 217 -3.77 -8.21 -10.60
N MET B 218 -3.50 -6.90 -10.65
CA MET B 218 -3.65 -6.15 -11.89
C MET B 218 -2.70 -6.65 -12.96
N GLU B 219 -1.44 -6.89 -12.56
CA GLU B 219 -0.43 -7.43 -13.46
CA GLU B 219 -0.45 -7.42 -13.48
C GLU B 219 -0.86 -8.80 -13.98
N HIS B 220 -1.37 -9.64 -13.07
CA HIS B 220 -1.79 -10.99 -13.43
C HIS B 220 -2.97 -10.98 -14.40
N LEU B 221 -3.99 -10.19 -14.08
CA LEU B 221 -5.15 -10.07 -14.95
C LEU B 221 -4.74 -9.58 -16.34
N TYR B 222 -3.90 -8.56 -16.37
CA TYR B 222 -3.38 -8.02 -17.63
C TYR B 222 -2.65 -9.12 -18.40
N SER B 223 -1.89 -9.92 -17.67
CA SER B 223 -1.15 -11.04 -18.26
C SER B 223 -2.09 -12.05 -18.94
N MET B 224 -3.16 -12.42 -18.25
CA MET B 224 -4.14 -13.35 -18.79
C MET B 224 -4.79 -12.77 -20.05
N LYS B 225 -5.12 -11.48 -19.99
CA LYS B 225 -5.70 -10.78 -21.12
C LYS B 225 -4.78 -10.85 -22.34
N CYS B 226 -3.49 -10.57 -22.12
CA CYS B 226 -2.53 -10.49 -23.21
C CYS B 226 -2.14 -11.86 -23.77
N LYS B 227 -2.64 -12.91 -23.14
CA LYS B 227 -2.42 -14.26 -23.66
C LYS B 227 -3.72 -14.85 -24.19
N ASN B 228 -4.72 -13.99 -24.35
CA ASN B 228 -6.03 -14.40 -24.85
C ASN B 228 -6.62 -15.59 -24.09
N VAL B 229 -6.35 -15.65 -22.79
CA VAL B 229 -6.88 -16.72 -21.96
C VAL B 229 -8.39 -16.55 -21.75
N VAL B 230 -8.79 -15.33 -21.48
CA VAL B 230 -10.19 -15.04 -21.19
C VAL B 230 -10.60 -13.71 -21.81
N PRO B 231 -11.82 -13.65 -22.36
CA PRO B 231 -12.35 -12.36 -22.82
C PRO B 231 -12.89 -11.57 -21.64
N LEU B 232 -12.41 -10.34 -21.46
CA LEU B 232 -12.90 -9.48 -20.40
C LEU B 232 -14.03 -8.61 -20.93
N SER B 233 -15.00 -8.30 -20.08
CA SER B 233 -16.07 -7.39 -20.46
C SER B 233 -15.49 -6.03 -20.83
N ASP B 234 -16.21 -5.25 -21.61
CA ASP B 234 -15.73 -3.92 -22.01
C ASP B 234 -15.41 -3.06 -20.80
N LEU B 235 -16.25 -3.16 -19.76
CA LEU B 235 -16.04 -2.37 -18.55
C LEU B 235 -14.74 -2.79 -17.86
N LEU B 236 -14.56 -4.10 -17.69
CA LEU B 236 -13.38 -4.63 -17.03
C LEU B 236 -12.12 -4.28 -17.82
N LEU B 237 -12.23 -4.30 -19.14
CA LEU B 237 -11.12 -3.94 -20.02
C LEU B 237 -10.70 -2.49 -19.79
N GLU B 238 -11.70 -1.62 -19.61
CA GLU B 238 -11.41 -0.20 -19.41
C GLU B 238 -10.87 0.09 -18.00
N MET B 239 -11.39 -0.61 -17.00
CA MET B 239 -10.87 -0.49 -15.63
C MET B 239 -9.43 -0.95 -15.58
N LEU B 240 -9.14 -2.05 -16.28
CA LEU B 240 -7.80 -2.60 -16.34
C LEU B 240 -6.88 -1.66 -17.11
N ASP B 241 -7.41 -1.08 -18.18
CA ASP B 241 -6.65 -0.18 -19.05
C ASP B 241 -6.17 1.06 -18.31
N ALA B 242 -6.97 1.52 -17.35
CA ALA B 242 -6.66 2.73 -16.59
C ALA B 242 -5.35 2.59 -15.83
N HIS B 243 -4.86 1.36 -15.70
CA HIS B 243 -3.64 1.11 -14.94
C HIS B 243 -2.41 0.96 -15.84
N ARG B 244 -2.53 1.42 -17.08
CA ARG B 244 -1.40 1.40 -18.01
C ARG B 244 -1.50 2.55 -19.02
N HIS C 1 25.31 -17.64 0.50
CA HIS C 1 24.27 -17.61 -0.52
C HIS C 1 24.00 -16.20 -1.04
N LYS C 2 22.82 -15.67 -0.72
CA LYS C 2 22.44 -14.33 -1.15
C LYS C 2 23.43 -13.29 -0.65
N ILE C 3 23.66 -12.25 -1.45
CA ILE C 3 24.49 -11.13 -1.03
C ILE C 3 23.89 -10.48 0.19
N LEU C 4 22.56 -10.39 0.21
CA LEU C 4 21.83 -9.81 1.32
C LEU C 4 22.13 -10.54 2.62
N HIS C 5 22.17 -11.87 2.55
CA HIS C 5 22.55 -12.69 3.69
C HIS C 5 23.90 -12.24 4.25
N ARG C 6 24.87 -12.11 3.35
CA ARG C 6 26.23 -11.75 3.72
C ARG C 6 26.30 -10.35 4.31
N LEU C 7 25.53 -9.42 3.73
CA LEU C 7 25.52 -8.04 4.21
C LEU C 7 24.95 -7.95 5.62
N LEU C 8 23.88 -8.70 5.88
CA LEU C 8 23.23 -8.68 7.18
C LEU C 8 24.15 -9.19 8.28
N GLN C 9 24.84 -10.28 8.01
CA GLN C 9 25.78 -10.85 8.97
C GLN C 9 26.97 -9.92 9.20
N ASP C 10 27.34 -9.16 8.18
CA ASP C 10 28.50 -8.27 8.25
C ASP C 10 28.13 -6.83 8.58
N SER C 11 26.87 -6.59 8.93
CA SER C 11 26.39 -5.24 9.22
C SER C 11 27.22 -4.55 10.29
N SER C 12 27.38 -3.24 10.17
CA SER C 12 28.16 -2.47 11.13
C SER C 12 27.35 -1.34 11.74
N LYS D 2 -16.38 6.63 -22.27
CA LYS D 2 -16.00 5.57 -21.34
C LYS D 2 -17.20 5.03 -20.55
N ILE D 3 -17.29 3.72 -20.48
CA ILE D 3 -18.42 3.05 -19.84
C ILE D 3 -18.61 3.47 -18.38
N LEU D 4 -17.50 3.55 -17.64
CA LEU D 4 -17.56 3.94 -16.24
C LEU D 4 -18.17 5.32 -16.08
N HIS D 5 -17.77 6.23 -16.97
CA HIS D 5 -18.27 7.61 -16.94
C HIS D 5 -19.78 7.63 -17.14
N ARG D 6 -20.28 6.82 -18.06
CA ARG D 6 -21.73 6.73 -18.31
C ARG D 6 -22.47 6.14 -17.11
N LEU D 7 -21.91 5.08 -16.53
CA LEU D 7 -22.56 4.37 -15.43
C LEU D 7 -22.70 5.21 -14.16
N LEU D 8 -21.76 6.13 -13.94
CA LEU D 8 -21.78 6.98 -12.75
C LEU D 8 -22.91 8.02 -12.80
N GLN D 9 -23.65 8.04 -13.90
CA GLN D 9 -24.76 8.98 -14.08
C GLN D 9 -26.11 8.28 -14.03
N ASP D 10 -26.22 7.14 -14.69
CA ASP D 10 -27.48 6.39 -14.74
C ASP D 10 -27.88 5.87 -13.37
#